data_7F11
#
_entry.id   7F11
#
_cell.length_a   58.464
_cell.length_b   64.119
_cell.length_c   87.798
_cell.angle_alpha   90.000
_cell.angle_beta   90.000
_cell.angle_gamma   90.000
#
_symmetry.space_group_name_H-M   'P 21 21 21'
#
loop_
_entity.id
_entity.type
_entity.pdbx_description
1 polymer NsrQ
2 non-polymer 'methyl 2-[2,6-bis(oxidanyl)phenyl]carbonyl-5-methyl-3,6-bis(oxidanyl)benzoate'
3 water water
#
_entity_poly.entity_id   1
_entity_poly.type   'polypeptide(L)'
_entity_poly.pdbx_seq_one_letter_code
;MGSSHHHHHHSSGLVPRGSHMPAPAEVQAATLEKFIQGWAGWTPDGFLANWSEDCTQKTLPFSSGVPLRTRADTEKLFPV
LMSLMSNFTLDIHNVVHDAPQGKAVIYALTKADTPFGPYRNEHAIFLWFNEIGDRVQKIEEMFDAVVIQEFLPKLDKYVA
DNKMQLGAKFS
;
_entity_poly.pdbx_strand_id   A,B
#
# COMPACT_ATOMS: atom_id res chain seq x y z
N MET A 21 12.56 5.04 -21.68
CA MET A 21 11.52 5.96 -21.23
C MET A 21 10.19 5.23 -21.01
N PRO A 22 9.34 5.77 -20.13
CA PRO A 22 8.01 5.18 -19.97
C PRO A 22 7.12 5.48 -21.15
N ALA A 23 6.05 4.69 -21.24
CA ALA A 23 5.03 4.81 -22.27
C ALA A 23 4.27 6.12 -22.08
N PRO A 24 3.51 6.56 -23.09
CA PRO A 24 2.72 7.77 -22.91
C PRO A 24 1.81 7.66 -21.70
N ALA A 25 1.70 8.77 -20.99
CA ALA A 25 0.85 8.82 -19.79
C ALA A 25 -0.56 8.35 -20.09
N GLU A 26 -1.10 8.75 -21.24
CA GLU A 26 -2.48 8.44 -21.56
C GLU A 26 -2.68 6.95 -21.81
N VAL A 27 -1.65 6.28 -22.34
CA VAL A 27 -1.75 4.84 -22.52
C VAL A 27 -1.64 4.13 -21.18
N GLN A 28 -0.67 4.55 -20.35
CA GLN A 28 -0.56 3.97 -19.00
C GLN A 28 -1.89 4.06 -18.26
N ALA A 29 -2.54 5.23 -18.33
CA ALA A 29 -3.79 5.43 -17.63
C ALA A 29 -4.87 4.49 -18.15
N ALA A 30 -4.91 4.30 -19.47
CA ALA A 30 -5.89 3.38 -20.06
C ALA A 30 -5.63 1.95 -19.59
N THR A 31 -4.37 1.56 -19.48
CA THR A 31 -4.02 0.21 -19.03
C THR A 31 -4.38 0.01 -17.57
N LEU A 32 -4.18 1.05 -16.75
CA LEU A 32 -4.62 1.02 -15.37
C LEU A 32 -6.12 0.79 -15.28
N GLU A 33 -6.88 1.50 -16.13
CA GLU A 33 -8.33 1.31 -16.19
C GLU A 33 -8.70 -0.12 -16.57
N LYS A 34 -8.05 -0.66 -17.61
CA LYS A 34 -8.34 -2.01 -18.05
C LYS A 34 -7.94 -3.05 -17.01
N PHE A 35 -6.82 -2.83 -16.33
CA PHE A 35 -6.39 -3.72 -15.26
C PHE A 35 -7.45 -3.83 -14.18
N ILE A 36 -8.02 -2.69 -13.79
CA ILE A 36 -9.08 -2.66 -12.78
C ILE A 36 -10.31 -3.39 -13.29
N GLN A 37 -10.68 -3.15 -14.56
CA GLN A 37 -11.85 -3.81 -15.10
C GLN A 37 -11.65 -5.33 -15.19
N GLY A 38 -10.44 -5.76 -15.52
CA GLY A 38 -10.17 -7.19 -15.58
C GLY A 38 -10.24 -7.84 -14.21
N TRP A 39 -9.74 -7.13 -13.19
CA TRP A 39 -9.87 -7.58 -11.81
C TRP A 39 -11.35 -7.67 -11.42
N ALA A 40 -12.12 -6.62 -11.67
CA ALA A 40 -13.52 -6.60 -11.32
C ALA A 40 -14.30 -7.72 -12.01
N GLY A 41 -13.92 -8.03 -13.26
CA GLY A 41 -14.64 -9.04 -14.02
C GLY A 41 -14.51 -10.43 -13.45
N TRP A 42 -13.50 -10.67 -12.61
CA TRP A 42 -13.37 -11.91 -11.84
C TRP A 42 -13.35 -13.14 -12.73
N THR A 43 -12.60 -13.07 -13.84
CA THR A 43 -12.28 -14.26 -14.61
C THR A 43 -10.77 -14.37 -14.76
N PRO A 44 -10.23 -15.60 -14.76
CA PRO A 44 -8.77 -15.76 -14.87
C PRO A 44 -8.20 -15.14 -16.14
N ASP A 45 -8.78 -15.46 -17.29
CA ASP A 45 -8.19 -15.00 -18.53
C ASP A 45 -8.48 -13.52 -18.76
N GLY A 46 -9.62 -13.03 -18.29
CA GLY A 46 -9.90 -11.61 -18.39
C GLY A 46 -8.96 -10.76 -17.56
N PHE A 47 -8.61 -11.22 -16.36
CA PHE A 47 -7.73 -10.41 -15.53
C PHE A 47 -6.29 -10.52 -15.97
N LEU A 48 -5.82 -11.74 -16.27
CA LEU A 48 -4.43 -11.94 -16.63
C LEU A 48 -4.11 -11.40 -18.03
N ALA A 49 -5.12 -11.09 -18.84
CA ALA A 49 -4.86 -10.48 -20.14
C ALA A 49 -4.07 -9.19 -20.01
N ASN A 50 -4.19 -8.50 -18.88
CA ASN A 50 -3.50 -7.24 -18.66
C ASN A 50 -2.12 -7.40 -18.02
N TRP A 51 -1.73 -8.62 -17.68
CA TRP A 51 -0.37 -8.90 -17.21
C TRP A 51 0.52 -9.23 -18.39
N SER A 52 1.72 -8.67 -18.39
CA SER A 52 2.71 -9.09 -19.36
C SER A 52 3.02 -10.58 -19.18
N GLU A 53 3.59 -11.18 -20.24
CA GLU A 53 3.94 -12.60 -20.16
C GLU A 53 4.96 -12.87 -19.06
N ASP A 54 5.80 -11.89 -18.72
CA ASP A 54 6.83 -12.03 -17.70
C ASP A 54 6.46 -11.35 -16.38
N CYS A 55 5.20 -10.97 -16.18
CA CYS A 55 4.82 -10.22 -15.00
C CYS A 55 4.93 -11.08 -13.75
N THR A 56 5.45 -10.49 -12.67
CA THR A 56 5.52 -11.20 -11.40
C THR A 56 4.68 -10.47 -10.37
N GLN A 57 4.29 -11.19 -9.34
CA GLN A 57 3.61 -10.62 -8.19
C GLN A 57 4.40 -10.94 -6.93
N LYS A 58 4.51 -9.98 -6.04
CA LYS A 58 5.21 -10.15 -4.79
C LYS A 58 4.30 -9.69 -3.66
N THR A 59 3.99 -10.60 -2.75
CA THR A 59 3.23 -10.23 -1.56
C THR A 59 4.07 -9.42 -0.59
N LEU A 60 3.53 -8.31 -0.12
CA LEU A 60 4.10 -7.44 0.89
C LEU A 60 3.39 -7.65 2.23
N PRO A 61 4.07 -7.49 3.37
CA PRO A 61 5.44 -6.97 3.51
C PRO A 61 6.53 -7.97 3.18
N PHE A 62 7.70 -7.46 2.84
CA PHE A 62 8.85 -8.32 2.54
C PHE A 62 9.17 -9.22 3.72
N SER A 63 8.94 -8.73 4.94
CA SER A 63 9.24 -9.51 6.14
C SER A 63 8.42 -10.80 6.23
N SER A 64 7.30 -10.90 5.51
CA SER A 64 6.55 -12.16 5.48
C SER A 64 7.22 -13.22 4.65
N GLY A 65 8.19 -12.86 3.80
CA GLY A 65 8.96 -13.82 3.04
C GLY A 65 8.15 -14.69 2.11
N VAL A 66 7.05 -14.17 1.58
CA VAL A 66 6.22 -14.94 0.66
C VAL A 66 6.91 -14.98 -0.68
N PRO A 67 7.16 -16.15 -1.25
CA PRO A 67 7.91 -16.18 -2.52
C PRO A 67 7.18 -15.45 -3.63
N LEU A 68 7.96 -14.79 -4.48
CA LEU A 68 7.45 -14.20 -5.71
C LEU A 68 6.61 -15.22 -6.47
N ARG A 69 5.49 -14.76 -7.02
CA ARG A 69 4.66 -15.58 -7.90
C ARG A 69 4.92 -15.20 -9.34
N THR A 70 5.19 -16.21 -10.17
CA THR A 70 5.24 -15.95 -11.60
C THR A 70 3.83 -15.84 -12.17
N ARG A 71 3.76 -15.50 -13.45
CA ARG A 71 2.47 -15.50 -14.12
C ARG A 71 1.88 -16.90 -14.15
N ALA A 72 2.71 -17.91 -14.44
CA ALA A 72 2.24 -19.29 -14.40
C ALA A 72 1.70 -19.66 -13.03
N ASP A 73 2.40 -19.27 -11.95
CA ASP A 73 1.92 -19.56 -10.61
C ASP A 73 0.55 -18.93 -10.37
N THR A 74 0.36 -17.70 -10.85
CA THR A 74 -0.91 -17.04 -10.64
C THR A 74 -2.01 -17.67 -11.49
N GLU A 75 -1.67 -18.20 -12.67
CA GLU A 75 -2.62 -18.92 -13.50
C GLU A 75 -3.16 -20.19 -12.81
N LYS A 76 -2.36 -20.82 -11.95
CA LYS A 76 -2.85 -22.00 -11.24
C LYS A 76 -3.71 -21.61 -10.05
N LEU A 77 -3.42 -20.46 -9.46
CA LEU A 77 -4.11 -19.97 -8.27
C LEU A 77 -5.51 -19.50 -8.61
N PHE A 78 -5.60 -18.61 -9.59
CA PHE A 78 -6.81 -17.81 -9.77
C PHE A 78 -8.05 -18.63 -10.11
N PRO A 79 -7.99 -19.68 -10.95
CA PRO A 79 -9.20 -20.48 -11.21
C PRO A 79 -9.91 -20.99 -9.95
N VAL A 80 -9.23 -21.75 -9.11
CA VAL A 80 -9.91 -22.33 -7.95
C VAL A 80 -10.36 -21.25 -6.96
N LEU A 81 -9.53 -20.22 -6.76
CA LEU A 81 -9.92 -19.11 -5.89
C LEU A 81 -11.20 -18.45 -6.41
N MET A 82 -11.13 -17.89 -7.62
CA MET A 82 -12.26 -17.15 -8.17
C MET A 82 -13.53 -17.99 -8.13
N SER A 83 -13.39 -19.31 -8.33
CA SER A 83 -14.53 -20.20 -8.21
C SER A 83 -15.10 -20.21 -6.79
N LEU A 84 -14.21 -20.22 -5.78
CA LEU A 84 -14.64 -20.32 -4.38
C LEU A 84 -15.27 -19.04 -3.85
N MET A 85 -15.03 -17.91 -4.47
CA MET A 85 -15.58 -16.65 -4.01
C MET A 85 -16.67 -16.18 -4.97
N SER A 86 -17.90 -16.27 -4.50
CA SER A 86 -19.07 -15.83 -5.27
C SER A 86 -19.36 -14.36 -5.00
N ASN A 87 -20.09 -13.75 -5.92
CA ASN A 87 -20.55 -12.36 -5.76
C ASN A 87 -19.39 -11.43 -5.44
N PHE A 88 -18.29 -11.61 -6.14
CA PHE A 88 -17.09 -10.83 -5.90
C PHE A 88 -17.33 -9.37 -6.24
N THR A 89 -16.94 -8.46 -5.35
CA THR A 89 -17.02 -7.03 -5.62
C THR A 89 -15.65 -6.39 -5.41
N LEU A 90 -15.37 -5.38 -6.23
CA LEU A 90 -14.11 -4.66 -6.19
C LEU A 90 -14.43 -3.19 -6.06
N ASP A 91 -13.96 -2.56 -5.00
CA ASP A 91 -14.17 -1.13 -4.82
C ASP A 91 -12.83 -0.43 -4.84
N ILE A 92 -12.68 0.51 -5.77
CA ILE A 92 -11.43 1.25 -5.92
C ILE A 92 -11.50 2.47 -5.02
N HIS A 93 -10.63 2.51 -4.01
CA HIS A 93 -10.64 3.57 -3.02
C HIS A 93 -9.70 4.71 -3.37
N ASN A 94 -8.58 4.39 -4.00
CA ASN A 94 -7.55 5.38 -4.30
C ASN A 94 -6.73 4.86 -5.47
N VAL A 95 -6.44 5.76 -6.42
CA VAL A 95 -5.52 5.48 -7.51
C VAL A 95 -4.49 6.59 -7.54
N VAL A 96 -3.21 6.23 -7.53
CA VAL A 96 -2.11 7.19 -7.58
C VAL A 96 -1.23 6.81 -8.76
N HIS A 97 -1.15 7.67 -9.78
CA HIS A 97 -0.48 7.33 -11.03
C HIS A 97 0.71 8.26 -11.26
N ASP A 98 1.92 7.70 -11.28
CA ASP A 98 3.15 8.43 -11.57
C ASP A 98 3.56 8.10 -13.01
N ALA A 99 3.01 8.85 -13.97
CA ALA A 99 3.31 8.56 -15.37
C ALA A 99 4.79 8.74 -15.71
N PRO A 100 5.51 9.75 -15.21
CA PRO A 100 6.94 9.85 -15.54
C PRO A 100 7.76 8.65 -15.12
N GLN A 101 7.33 7.90 -14.11
CA GLN A 101 8.05 6.72 -13.66
C GLN A 101 7.42 5.44 -14.18
N GLY A 102 6.31 5.54 -14.91
CA GLY A 102 5.64 4.34 -15.40
C GLY A 102 5.15 3.45 -14.28
N LYS A 103 4.60 4.04 -13.22
CA LYS A 103 4.22 3.32 -12.00
C LYS A 103 2.87 3.84 -11.54
N ALA A 104 2.18 2.98 -10.78
CA ALA A 104 0.94 3.40 -10.14
C ALA A 104 0.73 2.59 -8.87
N VAL A 105 -0.20 3.06 -8.05
CA VAL A 105 -0.66 2.33 -6.88
C VAL A 105 -2.17 2.39 -6.86
N ILE A 106 -2.81 1.27 -6.52
CA ILE A 106 -4.25 1.21 -6.26
C ILE A 106 -4.45 0.82 -4.82
N TYR A 107 -5.40 1.47 -4.13
CA TYR A 107 -5.90 0.90 -2.88
C TYR A 107 -7.31 0.41 -3.14
N ALA A 108 -7.54 -0.88 -2.92
CA ALA A 108 -8.83 -1.47 -3.27
C ALA A 108 -9.36 -2.28 -2.10
N LEU A 109 -10.68 -2.34 -2.01
CA LEU A 109 -11.36 -3.22 -1.05
C LEU A 109 -12.16 -4.27 -1.81
N THR A 110 -12.02 -5.53 -1.41
CA THR A 110 -12.70 -6.62 -2.07
C THR A 110 -13.59 -7.37 -1.08
N LYS A 111 -14.68 -7.92 -1.60
CA LYS A 111 -15.59 -8.72 -0.81
C LYS A 111 -16.11 -9.86 -1.68
N ALA A 112 -16.46 -10.97 -1.04
CA ALA A 112 -17.11 -12.07 -1.73
C ALA A 112 -17.82 -12.93 -0.70
N ASP A 113 -18.71 -13.79 -1.19
CA ASP A 113 -19.29 -14.82 -0.35
C ASP A 113 -18.56 -16.13 -0.59
N THR A 114 -18.36 -16.89 0.47
CA THR A 114 -17.80 -18.24 0.40
C THR A 114 -18.67 -19.19 1.21
N PRO A 115 -18.52 -20.49 0.97
CA PRO A 115 -19.22 -21.49 1.80
C PRO A 115 -18.92 -21.39 3.29
N PHE A 116 -17.81 -20.77 3.68
CA PHE A 116 -17.41 -20.67 5.06
C PHE A 116 -17.77 -19.33 5.69
N GLY A 117 -18.45 -18.46 4.96
CA GLY A 117 -18.77 -17.15 5.45
C GLY A 117 -18.23 -16.07 4.53
N PRO A 118 -18.48 -14.82 4.87
CA PRO A 118 -18.07 -13.72 4.01
C PRO A 118 -16.56 -13.52 4.00
N TYR A 119 -16.06 -13.08 2.86
CA TYR A 119 -14.66 -12.80 2.65
C TYR A 119 -14.52 -11.31 2.45
N ARG A 120 -13.56 -10.70 3.12
CA ARG A 120 -13.19 -9.29 2.90
C ARG A 120 -11.68 -9.23 2.77
N ASN A 121 -11.20 -8.30 1.94
CA ASN A 121 -9.77 -8.04 1.90
C ASN A 121 -9.57 -6.60 1.50
N GLU A 122 -8.36 -6.09 1.75
CA GLU A 122 -7.96 -4.78 1.24
C GLU A 122 -6.53 -4.85 0.72
N HIS A 123 -6.26 -4.10 -0.36
CA HIS A 123 -5.02 -4.26 -1.13
C HIS A 123 -4.42 -2.90 -1.41
N ALA A 124 -3.14 -2.74 -1.06
CA ALA A 124 -2.33 -1.63 -1.54
C ALA A 124 -1.42 -2.25 -2.59
N ILE A 125 -1.75 -2.02 -3.86
CA ILE A 125 -1.13 -2.77 -4.94
C ILE A 125 -0.31 -1.81 -5.80
N PHE A 126 0.98 -2.06 -5.85
CA PHE A 126 1.94 -1.24 -6.60
C PHE A 126 2.15 -1.87 -7.96
N LEU A 127 2.04 -1.06 -9.01
CA LEU A 127 2.10 -1.54 -10.39
C LEU A 127 3.21 -0.82 -11.16
N TRP A 128 3.84 -1.57 -12.07
CA TRP A 128 4.75 -1.01 -13.07
C TRP A 128 4.26 -1.42 -14.44
N PHE A 129 4.23 -0.47 -15.36
CA PHE A 129 3.81 -0.76 -16.73
C PHE A 129 5.00 -1.19 -17.58
N ASN A 130 4.69 -1.91 -18.66
CA ASN A 130 5.73 -2.27 -19.62
C ASN A 130 6.05 -1.07 -20.51
N GLU A 131 7.02 -1.24 -21.42
CA GLU A 131 7.50 -0.08 -22.16
C GLU A 131 6.47 0.45 -23.15
N ILE A 132 5.68 -0.44 -23.77
CA ILE A 132 4.60 0.02 -24.64
C ILE A 132 3.51 0.68 -23.81
N GLY A 133 3.33 0.25 -22.56
CA GLY A 133 2.32 0.79 -21.69
C GLY A 133 0.98 0.10 -21.71
N ASP A 134 0.85 -1.02 -22.43
CA ASP A 134 -0.42 -1.73 -22.52
C ASP A 134 -0.48 -2.96 -21.63
N ARG A 135 0.53 -3.20 -20.80
CA ARG A 135 0.48 -4.30 -19.83
C ARG A 135 1.08 -3.83 -18.52
N VAL A 136 0.71 -4.54 -17.45
CA VAL A 136 1.41 -4.46 -16.18
C VAL A 136 2.51 -5.51 -16.17
N GLN A 137 3.72 -5.08 -15.83
CA GLN A 137 4.94 -5.88 -15.88
C GLN A 137 5.43 -6.34 -14.52
N LYS A 138 5.03 -5.66 -13.44
CA LYS A 138 5.48 -6.02 -12.11
C LYS A 138 4.41 -5.58 -11.12
N ILE A 139 4.16 -6.42 -10.11
CA ILE A 139 3.15 -6.16 -9.09
C ILE A 139 3.76 -6.41 -7.72
N GLU A 140 3.58 -5.46 -6.79
CA GLU A 140 3.89 -5.70 -5.37
C GLU A 140 2.67 -5.33 -4.56
N GLU A 141 2.21 -6.25 -3.71
CA GLU A 141 0.84 -6.19 -3.21
C GLU A 141 0.82 -6.41 -1.70
N MET A 142 0.48 -5.36 -0.94
CA MET A 142 0.26 -5.49 0.49
C MET A 142 -1.22 -5.80 0.74
N PHE A 143 -1.51 -7.00 1.23
CA PHE A 143 -2.89 -7.43 1.46
C PHE A 143 -2.86 -8.56 2.47
N ASP A 144 -4.05 -8.99 2.89
CA ASP A 144 -4.14 -10.14 3.80
C ASP A 144 -3.99 -11.41 2.99
N ALA A 145 -2.85 -12.10 3.14
CA ALA A 145 -2.53 -13.22 2.27
C ALA A 145 -2.91 -14.57 2.87
N VAL A 146 -3.68 -14.58 3.97
CA VAL A 146 -3.91 -15.85 4.68
C VAL A 146 -4.58 -16.88 3.80
N VAL A 147 -5.58 -16.48 3.00
CA VAL A 147 -6.27 -17.45 2.15
C VAL A 147 -5.32 -18.10 1.16
N ILE A 148 -4.47 -17.28 0.52
CA ILE A 148 -3.52 -17.81 -0.46
C ILE A 148 -2.50 -18.70 0.23
N GLN A 149 -1.97 -18.24 1.36
CA GLN A 149 -0.83 -18.90 1.98
C GLN A 149 -1.24 -20.11 2.82
N GLU A 150 -2.42 -20.07 3.44
CA GLU A 150 -2.86 -21.09 4.38
C GLU A 150 -3.97 -21.97 3.85
N PHE A 151 -4.99 -21.38 3.21
CA PHE A 151 -6.17 -22.15 2.86
C PHE A 151 -5.96 -22.94 1.56
N LEU A 152 -5.55 -22.25 0.51
CA LEU A 152 -5.35 -22.93 -0.77
C LEU A 152 -4.48 -24.16 -0.68
N PRO A 153 -3.30 -24.14 -0.01
CA PRO A 153 -2.49 -25.37 0.06
C PRO A 153 -3.25 -26.58 0.61
N LYS A 154 -4.08 -26.39 1.64
CA LYS A 154 -4.87 -27.49 2.18
C LYS A 154 -5.83 -28.04 1.13
N LEU A 155 -6.75 -27.20 0.65
CA LEU A 155 -7.80 -27.64 -0.26
C LEU A 155 -7.27 -27.89 -1.67
N ASP A 156 -6.02 -27.54 -1.94
CA ASP A 156 -5.45 -27.71 -3.28
C ASP A 156 -4.28 -28.68 -3.22
N LYS A 157 -3.17 -28.31 -2.58
CA LYS A 157 -1.95 -29.11 -2.65
C LYS A 157 -2.16 -30.51 -2.06
N TYR A 158 -2.59 -30.58 -0.79
CA TYR A 158 -2.67 -31.88 -0.13
C TYR A 158 -3.81 -32.74 -0.70
N VAL A 159 -4.97 -32.14 -1.01
CA VAL A 159 -6.11 -32.96 -1.42
C VAL A 159 -5.82 -33.63 -2.76
N ALA A 160 -5.13 -32.94 -3.67
CA ALA A 160 -4.93 -33.47 -5.02
C ALA A 160 -3.72 -34.40 -5.04
N MET B 21 -7.54 22.30 -7.68
CA MET B 21 -6.42 22.40 -8.60
C MET B 21 -5.08 22.35 -7.84
N PRO B 22 -4.31 21.28 -8.06
CA PRO B 22 -3.11 21.07 -7.24
C PRO B 22 -1.92 21.93 -7.65
N ALA B 23 -0.99 22.06 -6.70
CA ALA B 23 0.21 22.86 -6.85
C ALA B 23 1.13 22.26 -7.92
N PRO B 24 2.11 23.04 -8.41
CA PRO B 24 3.05 22.50 -9.39
C PRO B 24 3.78 21.27 -8.87
N ALA B 25 4.18 20.41 -9.81
CA ALA B 25 4.83 19.16 -9.44
C ALA B 25 6.06 19.38 -8.57
N GLU B 26 6.86 20.41 -8.88
CA GLU B 26 8.10 20.60 -8.14
C GLU B 26 7.84 21.12 -6.74
N VAL B 27 6.73 21.83 -6.53
CA VAL B 27 6.35 22.24 -5.18
C VAL B 27 5.93 21.03 -4.36
N GLN B 28 5.05 20.20 -4.92
CA GLN B 28 4.66 18.96 -4.24
C GLN B 28 5.87 18.08 -3.97
N ALA B 29 6.78 17.96 -4.94
CA ALA B 29 7.93 17.08 -4.78
C ALA B 29 8.83 17.55 -3.64
N ALA B 30 8.96 18.86 -3.47
CA ALA B 30 9.75 19.38 -2.35
C ALA B 30 9.13 19.00 -1.03
N THR B 31 7.79 19.07 -0.94
CA THR B 31 7.10 18.69 0.28
C THR B 31 7.25 17.20 0.54
N LEU B 32 7.15 16.40 -0.51
CA LEU B 32 7.34 14.95 -0.38
C LEU B 32 8.71 14.63 0.20
N GLU B 33 9.74 15.29 -0.32
CA GLU B 33 11.10 15.07 0.16
C GLU B 33 11.25 15.49 1.62
N LYS B 34 10.69 16.68 1.96
CA LYS B 34 10.70 17.15 3.35
C LYS B 34 9.97 16.18 4.27
N PHE B 35 8.85 15.63 3.81
CA PHE B 35 8.12 14.65 4.62
C PHE B 35 9.00 13.46 4.95
N ILE B 36 9.70 12.93 3.95
CA ILE B 36 10.56 11.78 4.15
C ILE B 36 11.73 12.13 5.07
N GLN B 37 12.30 13.31 4.90
CA GLN B 37 13.39 13.75 5.79
C GLN B 37 12.94 13.88 7.23
N GLY B 38 11.74 14.40 7.45
CA GLY B 38 11.24 14.56 8.81
C GLY B 38 10.98 13.21 9.47
N TRP B 39 10.48 12.26 8.70
CA TRP B 39 10.34 10.89 9.18
C TRP B 39 11.71 10.31 9.53
N ALA B 40 12.67 10.42 8.61
CA ALA B 40 13.97 9.81 8.83
C ALA B 40 14.68 10.45 10.01
N GLY B 41 14.42 11.72 10.28
CA GLY B 41 15.02 12.42 11.40
C GLY B 41 14.59 11.92 12.76
N TRP B 42 13.44 11.22 12.81
CA TRP B 42 12.95 10.57 14.03
C TRP B 42 12.82 11.54 15.21
N THR B 43 12.24 12.70 14.95
CA THR B 43 11.83 13.62 16.01
C THR B 43 10.38 14.04 15.79
N PRO B 44 9.62 14.23 16.87
CA PRO B 44 8.21 14.63 16.69
C PRO B 44 8.05 15.96 15.99
N ASP B 45 8.81 16.98 16.43
CA ASP B 45 8.70 18.30 15.83
C ASP B 45 9.09 18.26 14.36
N GLY B 46 10.19 17.57 14.04
CA GLY B 46 10.64 17.50 12.67
C GLY B 46 9.65 16.78 11.77
N PHE B 47 9.05 15.70 12.28
CA PHE B 47 8.07 14.97 11.47
C PHE B 47 6.81 15.78 11.26
N LEU B 48 6.32 16.44 12.31
CA LEU B 48 5.05 17.15 12.21
C LEU B 48 5.17 18.48 11.48
N ALA B 49 6.39 18.98 11.26
CA ALA B 49 6.58 20.25 10.55
C ALA B 49 5.89 20.24 9.20
N ASN B 50 5.82 19.08 8.55
CA ASN B 50 5.25 19.00 7.22
C ASN B 50 3.78 18.61 7.20
N TRP B 51 3.15 18.48 8.38
CA TRP B 51 1.70 18.30 8.46
C TRP B 51 0.99 19.64 8.39
N SER B 52 -0.07 19.70 7.59
CA SER B 52 -1.01 20.80 7.71
C SER B 52 -1.67 20.76 9.09
N GLU B 53 -2.32 21.87 9.44
CA GLU B 53 -2.97 21.94 10.74
C GLU B 53 -4.10 20.92 10.89
N ASP B 54 -4.81 20.61 9.81
CA ASP B 54 -5.93 19.69 9.87
C ASP B 54 -5.54 18.28 9.44
N CYS B 55 -4.24 18.01 9.27
CA CYS B 55 -3.81 16.71 8.75
C CYS B 55 -4.14 15.61 9.74
N THR B 56 -4.60 14.47 9.20
CA THR B 56 -4.92 13.31 10.01
C THR B 56 -4.18 12.11 9.44
N GLN B 57 -3.95 11.14 10.31
N GLN B 57 -4.03 11.06 10.27
CA GLN B 57 -3.42 9.85 9.92
CA GLN B 57 -3.33 9.85 9.85
C GLN B 57 -4.52 8.81 10.15
C GLN B 57 -4.18 8.63 10.22
N LYS B 58 -4.63 7.89 9.21
CA LYS B 58 -5.59 6.81 9.35
C LYS B 58 -4.91 5.49 8.99
N THR B 59 -4.96 4.55 9.93
CA THR B 59 -4.39 3.23 9.72
C THR B 59 -5.28 2.38 8.81
N LEU B 60 -4.65 1.70 7.86
CA LEU B 60 -5.23 0.72 6.96
C LEU B 60 -4.77 -0.68 7.35
N PRO B 61 -5.59 -1.72 7.09
CA PRO B 61 -6.88 -1.68 6.40
C PRO B 61 -7.98 -1.06 7.23
N PHE B 62 -9.00 -0.55 6.54
CA PHE B 62 -10.13 0.06 7.24
C PHE B 62 -10.81 -0.96 8.14
N SER B 63 -10.80 -2.22 7.72
CA SER B 63 -11.43 -3.27 8.50
C SER B 63 -10.85 -3.41 9.90
N SER B 64 -9.61 -2.95 10.13
CA SER B 64 -9.03 -3.05 11.47
C SER B 64 -9.67 -2.08 12.46
N GLY B 65 -10.38 -1.06 11.99
CA GLY B 65 -11.04 -0.13 12.89
C GLY B 65 -10.13 0.62 13.82
N VAL B 66 -8.91 0.90 13.40
CA VAL B 66 -8.00 1.69 14.22
C VAL B 66 -8.40 3.16 14.11
N PRO B 67 -8.63 3.86 15.22
CA PRO B 67 -9.11 5.24 15.12
C PRO B 67 -8.09 6.14 14.43
N LEU B 68 -8.61 7.09 13.66
CA LEU B 68 -7.83 8.19 13.13
C LEU B 68 -6.99 8.87 14.21
N ARG B 69 -5.81 9.37 13.82
CA ARG B 69 -4.99 10.22 14.67
C ARG B 69 -5.03 11.65 14.15
N THR B 70 -5.38 12.58 15.03
CA THR B 70 -5.25 13.97 14.66
C THR B 70 -3.80 14.42 14.83
N ARG B 71 -3.53 15.64 14.37
CA ARG B 71 -2.22 16.24 14.59
C ARG B 71 -1.90 16.28 16.08
N ALA B 72 -2.86 16.68 16.91
CA ALA B 72 -2.64 16.74 18.35
C ALA B 72 -2.39 15.36 18.92
N ASP B 73 -3.15 14.36 18.48
CA ASP B 73 -2.90 12.98 18.92
C ASP B 73 -1.46 12.59 18.63
N THR B 74 -0.94 12.97 17.47
CA THR B 74 0.40 12.58 17.06
C THR B 74 1.46 13.33 17.88
N GLU B 75 1.21 14.61 18.17
CA GLU B 75 2.10 15.36 19.06
C GLU B 75 2.24 14.67 20.41
N LYS B 76 1.14 14.14 20.94
CA LYS B 76 1.20 13.50 22.25
C LYS B 76 1.88 12.13 22.16
N LEU B 77 1.64 11.41 21.07
CA LEU B 77 2.04 10.01 20.95
C LEU B 77 3.51 9.83 20.58
N PHE B 78 3.99 10.61 19.61
CA PHE B 78 5.27 10.32 18.98
C PHE B 78 6.49 10.54 19.88
N PRO B 79 6.47 11.46 20.84
CA PRO B 79 7.62 11.54 21.78
C PRO B 79 7.93 10.21 22.46
N VAL B 80 6.93 9.57 23.08
CA VAL B 80 7.22 8.30 23.75
C VAL B 80 7.57 7.22 22.73
N LEU B 81 6.85 7.17 21.61
CA LEU B 81 7.10 6.12 20.63
C LEU B 81 8.51 6.20 20.08
N MET B 82 8.94 7.40 19.66
CA MET B 82 10.29 7.48 19.13
C MET B 82 11.35 7.31 20.20
N SER B 83 11.02 7.58 21.47
CA SER B 83 11.98 7.31 22.54
C SER B 83 12.17 5.81 22.76
N LEU B 84 11.15 5.00 22.47
CA LEU B 84 11.26 3.56 22.67
C LEU B 84 12.09 2.88 21.59
N MET B 85 12.21 3.49 20.41
CA MET B 85 12.88 2.86 19.29
C MET B 85 14.14 3.66 18.98
N SER B 86 15.30 3.05 19.22
N SER B 86 15.30 3.05 19.22
CA SER B 86 16.59 3.69 19.02
CA SER B 86 16.58 3.70 19.01
C SER B 86 17.22 3.21 17.72
C SER B 86 17.20 3.22 17.71
N ASN B 87 18.22 3.97 17.26
CA ASN B 87 18.96 3.64 16.03
C ASN B 87 18.01 3.45 14.85
N PHE B 88 17.07 4.39 14.72
CA PHE B 88 16.03 4.27 13.70
C PHE B 88 16.60 4.52 12.31
N THR B 89 16.32 3.61 11.38
CA THR B 89 16.70 3.79 9.99
C THR B 89 15.47 3.63 9.11
N LEU B 90 15.39 4.44 8.06
CA LEU B 90 14.27 4.45 7.13
C LEU B 90 14.80 4.09 5.75
N ASP B 91 14.27 3.02 5.15
CA ASP B 91 14.66 2.60 3.82
C ASP B 91 13.49 2.87 2.88
N ILE B 92 13.67 3.77 1.93
CA ILE B 92 12.62 4.10 0.97
C ILE B 92 12.72 3.11 -0.19
N HIS B 93 11.72 2.26 -0.32
CA HIS B 93 11.71 1.21 -1.33
C HIS B 93 11.04 1.67 -2.63
N ASN B 94 10.01 2.50 -2.52
CA ASN B 94 9.25 2.92 -3.70
C ASN B 94 8.60 4.25 -3.37
N VAL B 95 8.68 5.19 -4.30
CA VAL B 95 7.92 6.44 -4.24
C VAL B 95 7.15 6.58 -5.54
N VAL B 96 5.85 6.89 -5.42
CA VAL B 96 4.95 7.04 -6.55
C VAL B 96 4.27 8.39 -6.38
N HIS B 97 4.55 9.34 -7.28
CA HIS B 97 4.05 10.70 -7.13
C HIS B 97 3.11 11.01 -8.29
N ASP B 98 1.84 11.28 -7.97
CA ASP B 98 0.83 11.70 -8.94
C ASP B 98 0.63 13.21 -8.81
N ALA B 99 1.43 13.99 -9.53
CA ALA B 99 1.33 15.44 -9.41
C ALA B 99 -0.02 15.98 -9.88
N PRO B 100 -0.64 15.48 -10.95
CA PRO B 100 -1.95 16.02 -11.33
C PRO B 100 -3.02 15.85 -10.26
N GLN B 101 -2.91 14.83 -9.41
CA GLN B 101 -3.87 14.62 -8.34
C GLN B 101 -3.40 15.14 -6.99
N GLY B 102 -2.17 15.62 -6.89
CA GLY B 102 -1.65 16.07 -5.61
C GLY B 102 -1.60 14.94 -4.59
N LYS B 103 -1.15 13.77 -5.02
CA LYS B 103 -1.10 12.56 -4.21
C LYS B 103 0.25 11.87 -4.39
N ALA B 104 0.63 11.08 -3.38
CA ALA B 104 1.82 10.26 -3.52
C ALA B 104 1.67 9.05 -2.62
N VAL B 105 2.48 8.03 -2.90
CA VAL B 105 2.56 6.84 -2.06
C VAL B 105 4.04 6.56 -1.82
N ILE B 106 4.38 6.22 -0.59
CA ILE B 106 5.71 5.75 -0.25
C ILE B 106 5.57 4.34 0.27
N TYR B 107 6.41 3.42 -0.21
CA TYR B 107 6.60 2.16 0.48
C TYR B 107 7.95 2.22 1.18
N ALA B 108 7.95 2.04 2.50
CA ALA B 108 9.16 2.22 3.29
C ALA B 108 9.31 1.05 4.25
N LEU B 109 10.57 0.70 4.53
CA LEU B 109 10.90 -0.31 5.52
C LEU B 109 11.62 0.40 6.66
N THR B 110 11.20 0.12 7.90
CA THR B 110 11.83 0.76 9.04
C THR B 110 12.50 -0.31 9.91
N LYS B 111 13.63 0.09 10.48
CA LYS B 111 14.37 -0.75 11.42
C LYS B 111 14.74 0.10 12.64
N ALA B 112 14.66 -0.48 13.82
CA ALA B 112 15.13 0.20 15.02
C ALA B 112 15.53 -0.86 16.04
N ASP B 113 16.03 -0.40 17.18
CA ASP B 113 16.37 -1.26 18.30
C ASP B 113 15.47 -0.89 19.48
N THR B 114 15.02 -1.90 20.20
CA THR B 114 14.36 -1.70 21.48
C THR B 114 14.99 -2.64 22.48
N PRO B 115 14.79 -2.40 23.78
CA PRO B 115 15.21 -3.38 24.79
C PRO B 115 14.71 -4.79 24.50
N PHE B 116 13.47 -4.94 24.00
CA PHE B 116 13.04 -6.30 23.64
C PHE B 116 13.65 -6.77 22.42
N GLY B 117 14.60 -6.06 21.82
CA GLY B 117 15.31 -6.58 20.68
C GLY B 117 15.08 -5.74 19.44
N PRO B 118 15.47 -6.26 18.28
CA PRO B 118 15.38 -5.47 17.06
C PRO B 118 13.95 -5.30 16.62
N TYR B 119 13.70 -4.20 15.93
CA TYR B 119 12.35 -3.84 15.55
C TYR B 119 12.28 -3.59 14.05
N ARG B 120 11.24 -4.11 13.42
CA ARG B 120 11.04 -3.95 11.98
C ARG B 120 9.57 -3.63 11.68
N ASN B 121 9.34 -2.76 10.71
CA ASN B 121 8.00 -2.53 10.19
C ASN B 121 8.10 -2.16 8.72
N GLU B 122 6.96 -2.20 8.03
CA GLU B 122 6.90 -1.77 6.63
C GLU B 122 5.60 -1.03 6.44
N HIS B 123 5.64 0.00 5.60
CA HIS B 123 4.56 0.97 5.51
C HIS B 123 4.24 1.26 4.07
N ALA B 124 2.96 1.15 3.70
CA ALA B 124 2.47 1.69 2.44
C ALA B 124 1.71 2.95 2.82
N ILE B 125 2.34 4.11 2.61
CA ILE B 125 1.80 5.38 3.08
C ILE B 125 1.25 6.19 1.93
N PHE B 126 -0.05 6.44 1.97
CA PHE B 126 -0.73 7.27 0.98
C PHE B 126 -0.82 8.70 1.50
N LEU B 127 -0.35 9.65 0.68
CA LEU B 127 -0.30 11.07 1.05
C LEU B 127 -1.16 11.89 0.12
N TRP B 128 -1.83 12.91 0.69
CA TRP B 128 -2.49 13.97 -0.04
C TRP B 128 -1.81 15.28 0.32
N PHE B 129 -1.45 16.07 -0.67
CA PHE B 129 -0.91 17.39 -0.35
C PHE B 129 -2.04 18.41 -0.21
N ASN B 130 -1.75 19.48 0.55
CA ASN B 130 -2.69 20.58 0.55
C ASN B 130 -2.66 21.31 -0.79
N GLU B 131 -3.63 22.21 -0.97
CA GLU B 131 -3.78 22.89 -2.25
C GLU B 131 -2.57 23.75 -2.57
N ILE B 132 -2.01 24.44 -1.57
CA ILE B 132 -0.81 25.24 -1.81
C ILE B 132 0.38 24.34 -2.16
N GLY B 133 0.36 23.09 -1.70
CA GLY B 133 1.37 22.13 -2.05
C GLY B 133 2.55 22.06 -1.10
N ASP B 134 2.54 22.82 -0.01
CA ASP B 134 3.68 22.87 0.90
C ASP B 134 3.47 22.02 2.15
N ARG B 135 2.36 21.30 2.26
CA ARG B 135 2.12 20.46 3.42
C ARG B 135 1.42 19.19 2.99
N VAL B 136 1.55 18.17 3.83
CA VAL B 136 0.72 16.97 3.73
C VAL B 136 -0.57 17.21 4.51
N GLN B 137 -1.71 17.00 3.84
CA GLN B 137 -3.01 17.27 4.43
C GLN B 137 -3.73 16.02 4.91
N LYS B 138 -3.37 14.86 4.39
CA LYS B 138 -4.05 13.63 4.81
C LYS B 138 -3.10 12.47 4.57
N ILE B 139 -3.14 11.50 5.49
CA ILE B 139 -2.31 10.30 5.43
C ILE B 139 -3.20 9.08 5.66
N GLU B 140 -3.11 8.07 4.78
CA GLU B 140 -3.67 6.75 5.05
C GLU B 140 -2.53 5.75 4.92
N GLU B 141 -2.35 4.90 5.93
CA GLU B 141 -1.12 4.14 6.09
C GLU B 141 -1.43 2.69 6.36
N MET B 142 -0.99 1.80 5.49
CA MET B 142 -1.08 0.36 5.78
C MET B 142 0.27 -0.12 6.34
N PHE B 143 0.25 -0.63 7.57
CA PHE B 143 1.48 -1.07 8.22
C PHE B 143 1.10 -2.01 9.34
N ASP B 144 2.11 -2.56 10.02
CA ASP B 144 1.84 -3.48 11.12
C ASP B 144 1.55 -2.59 12.33
N ALA B 145 0.29 -2.55 12.75
CA ALA B 145 -0.14 -1.56 13.73
C ALA B 145 -0.20 -2.11 15.15
N VAL B 146 0.45 -3.25 15.44
CA VAL B 146 0.23 -3.90 16.72
C VAL B 146 0.58 -2.99 17.88
N VAL B 147 1.59 -2.12 17.73
CA VAL B 147 1.96 -1.24 18.82
C VAL B 147 0.80 -0.32 19.17
N ILE B 148 0.21 0.35 18.18
CA ILE B 148 -0.85 1.28 18.51
C ILE B 148 -2.18 0.54 18.76
N GLN B 149 -2.38 -0.65 18.21
CA GLN B 149 -3.67 -1.30 18.41
C GLN B 149 -3.69 -2.23 19.63
N GLU B 150 -2.58 -2.88 19.96
CA GLU B 150 -2.54 -3.77 21.11
C GLU B 150 -1.97 -3.05 22.32
N PHE B 151 -0.68 -2.69 22.24
CA PHE B 151 0.08 -2.08 23.33
C PHE B 151 -0.55 -0.87 24.01
N LEU B 152 -0.65 0.27 23.33
CA LEU B 152 -1.24 1.47 23.93
C LEU B 152 -2.62 1.28 24.57
N PRO B 153 -3.60 0.62 23.95
CA PRO B 153 -4.87 0.41 24.68
C PRO B 153 -4.67 -0.37 25.97
N LYS B 154 -3.98 -1.52 25.91
CA LYS B 154 -3.64 -2.29 27.09
C LYS B 154 -2.97 -1.40 28.14
N LEU B 155 -2.09 -0.51 27.71
CA LEU B 155 -1.34 0.35 28.64
C LEU B 155 -2.28 1.27 29.41
N ASP B 156 -3.36 1.73 28.79
CA ASP B 156 -4.25 2.70 29.42
C ASP B 156 -5.31 2.00 30.26
#